data_5DI7
#
_entry.id   5DI7
#
_cell.length_a   55.962
_cell.length_b   83.298
_cell.length_c   58.536
_cell.angle_alpha   90.000
_cell.angle_beta   109.440
_cell.angle_gamma   90.000
#
_symmetry.space_group_name_H-M   'P 1 21 1'
#
loop_
_entity.id
_entity.type
_entity.pdbx_description
1 polymer 'Estrogen receptor'
2 polymer 'Nuclear receptor coactivator 2'
3 non-polymer (1S,3aR,5S,7aS)-5-(4-hydroxy-2-methylphenyl)-7a-methyloctahydro-1H-inden-1-ol
4 water water
#
loop_
_entity_poly.entity_id
_entity_poly.type
_entity_poly.pdbx_seq_one_letter_code
_entity_poly.pdbx_strand_id
1 'polypeptide(L)'
;IKRSKKNSLALSLTADQMVSALLDAEPPILYSEYDPTRPFSEASMMGLLTNLADRELVHMINWAKRVPGFVDLTLHDQVH
LLECAWLEILMIGLVWRSMEHPGKLLFAPNLLLDRNQGKCVEGMVEIFDMLLATSSRFRMMNLQGEEFVCLKSIILLNSG
VYTFLSSTLKSLEEKDHIHRVLDKITDTLIHLMAKAGLTLQQQHQRLAQLLLILSHIRHMSNKGMEHLYSMKCKNVVPLS
DLLLEMLDAHRLHAPTS
;
A,B
2 'polypeptide(L)' KHKILHRLLQDSSS C,D
#
loop_
_chem_comp.id
_chem_comp.type
_chem_comp.name
_chem_comp.formula
5CQ non-polymer (1S,3aR,5S,7aS)-5-(4-hydroxy-2-methylphenyl)-7a-methyloctahydro-1H-inden-1-ol 'C17 H24 O2'
#
# COMPACT_ATOMS: atom_id res chain seq x y z
N SER A 8 -2.61 -14.66 -22.66
CA SER A 8 -3.57 -14.94 -23.73
C SER A 8 -4.51 -16.04 -23.28
N LEU A 9 -5.77 -15.96 -23.70
CA LEU A 9 -6.85 -16.83 -23.20
C LEU A 9 -7.45 -16.24 -21.91
N ALA A 10 -6.59 -15.70 -21.05
CA ALA A 10 -7.06 -14.98 -19.88
C ALA A 10 -7.70 -13.67 -20.33
N LEU A 11 -7.16 -13.10 -21.41
CA LEU A 11 -7.70 -11.87 -21.98
C LEU A 11 -8.97 -12.15 -22.78
N SER A 12 -9.20 -13.43 -23.07
CA SER A 12 -10.38 -13.83 -23.81
C SER A 12 -11.52 -14.19 -22.87
N LEU A 13 -11.18 -14.43 -21.61
CA LEU A 13 -12.17 -14.80 -20.61
C LEU A 13 -13.25 -13.74 -20.43
N THR A 14 -14.49 -14.18 -20.33
CA THR A 14 -15.59 -13.29 -19.97
C THR A 14 -15.51 -13.02 -18.48
N ALA A 15 -16.29 -12.05 -18.01
CA ALA A 15 -16.32 -11.73 -16.58
C ALA A 15 -16.72 -12.96 -15.78
N ASP A 16 -17.75 -13.66 -16.24
CA ASP A 16 -18.24 -14.85 -15.57
C ASP A 16 -17.21 -15.97 -15.57
N GLN A 17 -16.49 -16.12 -16.68
CA GLN A 17 -15.45 -17.14 -16.78
C GLN A 17 -14.30 -16.83 -15.82
N MET A 18 -13.94 -15.55 -15.74
CA MET A 18 -12.89 -15.10 -14.82
C MET A 18 -13.25 -15.45 -13.39
N VAL A 19 -14.48 -15.14 -13.01
CA VAL A 19 -14.96 -15.39 -11.65
C VAL A 19 -14.91 -16.87 -11.28
N SER A 20 -15.56 -17.71 -12.08
CA SER A 20 -15.62 -19.14 -11.80
C SER A 20 -14.22 -19.76 -11.73
N ALA A 21 -13.35 -19.33 -12.64
CA ALA A 21 -11.97 -19.80 -12.65
C ALA A 21 -11.27 -19.51 -11.33
N LEU A 22 -11.41 -18.27 -10.86
CA LEU A 22 -10.80 -17.86 -9.59
C LEU A 22 -11.44 -18.59 -8.41
N LEU A 23 -12.76 -18.74 -8.46
CA LEU A 23 -13.48 -19.45 -7.41
C LEU A 23 -13.03 -20.90 -7.31
N ASP A 24 -12.84 -21.53 -8.47
CA ASP A 24 -12.40 -22.92 -8.53
C ASP A 24 -10.96 -23.09 -8.09
N ALA A 25 -10.18 -22.01 -8.19
CA ALA A 25 -8.76 -22.07 -7.86
C ALA A 25 -8.52 -21.91 -6.36
N GLU A 26 -9.56 -21.48 -5.64
CA GLU A 26 -9.44 -21.24 -4.20
C GLU A 26 -8.79 -22.40 -3.47
N PRO A 27 -7.79 -22.09 -2.63
CA PRO A 27 -7.11 -23.09 -1.80
C PRO A 27 -7.98 -23.49 -0.62
N PRO A 28 -7.73 -24.67 -0.03
CA PRO A 28 -8.52 -25.15 1.09
C PRO A 28 -8.20 -24.40 2.39
N ILE A 29 -9.10 -24.49 3.36
CA ILE A 29 -8.84 -23.96 4.69
C ILE A 29 -8.13 -25.03 5.50
N LEU A 30 -6.94 -24.71 5.98
CA LEU A 30 -6.12 -25.69 6.71
C LEU A 30 -6.35 -25.59 8.21
N TYR A 31 -6.00 -26.67 8.92
CA TYR A 31 -6.09 -26.68 10.37
C TYR A 31 -4.74 -26.41 11.01
N SER A 32 -4.77 -25.90 12.23
CA SER A 32 -3.54 -25.66 12.98
C SER A 32 -3.14 -26.93 13.74
N GLU A 33 -1.88 -27.01 14.11
CA GLU A 33 -1.41 -28.12 14.95
C GLU A 33 -1.54 -27.73 16.41
N TYR A 34 -2.51 -26.87 16.69
CA TYR A 34 -2.75 -26.38 18.04
C TYR A 34 -3.10 -27.49 19.02
N ASP A 35 -2.30 -27.61 20.07
CA ASP A 35 -2.58 -28.53 21.16
C ASP A 35 -2.89 -27.75 22.43
N PRO A 36 -4.12 -27.89 22.93
CA PRO A 36 -4.59 -27.14 24.09
C PRO A 36 -4.26 -27.80 25.42
N THR A 37 -3.34 -28.77 25.40
CA THR A 37 -2.89 -29.41 26.63
C THR A 37 -1.70 -28.65 27.21
N ARG A 38 -1.14 -27.74 26.41
CA ARG A 38 -0.04 -26.89 26.86
C ARG A 38 -0.42 -25.43 26.72
N PRO A 39 0.03 -24.60 27.69
CA PRO A 39 -0.26 -23.16 27.66
C PRO A 39 0.53 -22.44 26.57
N PHE A 40 -0.01 -21.35 26.06
CA PHE A 40 0.65 -20.55 25.03
C PHE A 40 1.90 -19.86 25.56
N SER A 41 2.97 -19.91 24.79
CA SER A 41 4.14 -19.08 25.04
C SER A 41 4.42 -18.29 23.78
N GLU A 42 5.22 -17.23 23.89
CA GLU A 42 5.58 -16.44 22.71
C GLU A 42 6.15 -17.36 21.64
N ALA A 43 7.01 -18.29 22.07
CA ALA A 43 7.66 -19.21 21.15
C ALA A 43 6.68 -20.18 20.51
N SER A 44 5.77 -20.72 21.31
CA SER A 44 4.83 -21.73 20.83
C SER A 44 3.77 -21.13 19.90
N MET A 45 3.32 -19.92 20.20
CA MET A 45 2.34 -19.25 19.35
C MET A 45 2.95 -18.87 17.99
N MET A 46 4.18 -18.39 18.02
CA MET A 46 4.90 -18.10 16.78
C MET A 46 5.11 -19.38 15.99
N GLY A 47 5.34 -20.48 16.71
CA GLY A 47 5.50 -21.78 16.08
C GLY A 47 4.25 -22.21 15.35
N LEU A 48 3.10 -22.10 16.02
CA LEU A 48 1.82 -22.45 15.40
C LEU A 48 1.55 -21.63 14.14
N LEU A 49 1.69 -20.31 14.27
CA LEU A 49 1.37 -19.40 13.17
C LEU A 49 2.28 -19.59 11.96
N THR A 50 3.57 -19.75 12.21
CA THR A 50 4.53 -19.92 11.11
C THR A 50 4.44 -21.31 10.50
N ASN A 51 4.13 -22.31 11.31
CA ASN A 51 3.88 -23.65 10.80
C ASN A 51 2.70 -23.63 9.83
N LEU A 52 1.63 -22.93 10.25
CA LEU A 52 0.44 -22.78 9.43
C LEU A 52 0.74 -22.05 8.13
N ALA A 53 1.41 -20.91 8.25
CA ALA A 53 1.78 -20.11 7.08
C ALA A 53 2.57 -20.93 6.07
N ASP A 54 3.53 -21.70 6.57
CA ASP A 54 4.36 -22.54 5.72
C ASP A 54 3.53 -23.51 4.88
N ARG A 55 2.54 -24.14 5.52
CA ARG A 55 1.69 -25.09 4.81
C ARG A 55 0.73 -24.40 3.85
N GLU A 56 0.30 -23.19 4.21
CA GLU A 56 -0.56 -22.40 3.32
C GLU A 56 0.21 -21.97 2.07
N LEU A 57 1.50 -21.70 2.25
CA LEU A 57 2.34 -21.27 1.13
C LEU A 57 2.35 -22.28 -0.01
N VAL A 58 2.50 -23.56 0.33
CA VAL A 58 2.51 -24.61 -0.67
C VAL A 58 1.24 -24.59 -1.50
N HIS A 59 0.11 -24.37 -0.85
CA HIS A 59 -1.17 -24.29 -1.54
C HIS A 59 -1.30 -22.99 -2.34
N MET A 60 -0.76 -21.91 -1.80
CA MET A 60 -0.78 -20.62 -2.48
C MET A 60 -0.06 -20.72 -3.83
N ILE A 61 1.13 -21.31 -3.80
CA ILE A 61 1.94 -21.45 -5.01
C ILE A 61 1.17 -22.17 -6.11
N ASN A 62 0.44 -23.22 -5.73
CA ASN A 62 -0.37 -23.96 -6.69
C ASN A 62 -1.63 -23.19 -7.08
N TRP A 63 -2.12 -22.37 -6.16
CA TRP A 63 -3.24 -21.49 -6.46
C TRP A 63 -2.84 -20.44 -7.49
N ALA A 64 -1.66 -19.87 -7.32
CA ALA A 64 -1.15 -18.84 -8.21
C ALA A 64 -1.09 -19.33 -9.65
N LYS A 65 -0.72 -20.60 -9.82
CA LYS A 65 -0.62 -21.19 -11.15
C LYS A 65 -1.97 -21.27 -11.85
N ARG A 66 -3.05 -21.23 -11.07
CA ARG A 66 -4.39 -21.31 -11.62
C ARG A 66 -5.03 -19.94 -11.82
N VAL A 67 -4.30 -18.89 -11.47
CA VAL A 67 -4.75 -17.53 -11.74
C VAL A 67 -4.46 -17.18 -13.19
N PRO A 68 -5.52 -16.94 -13.97
CA PRO A 68 -5.43 -16.69 -15.42
C PRO A 68 -4.27 -15.75 -15.77
N GLY A 69 -3.38 -16.21 -16.64
CA GLY A 69 -2.29 -15.38 -17.13
C GLY A 69 -1.00 -15.52 -16.36
N PHE A 70 -1.06 -16.10 -15.16
CA PHE A 70 0.10 -16.22 -14.31
C PHE A 70 1.18 -17.13 -14.89
N VAL A 71 0.77 -18.27 -15.41
CA VAL A 71 1.72 -19.23 -15.98
C VAL A 71 2.28 -18.76 -17.32
N ASP A 72 1.73 -17.68 -17.85
CA ASP A 72 2.25 -17.09 -19.08
C ASP A 72 3.58 -16.40 -18.83
N LEU A 73 3.76 -15.94 -17.59
CA LEU A 73 4.98 -15.24 -17.21
C LEU A 73 6.16 -16.19 -17.11
N THR A 74 7.37 -15.63 -17.17
CA THR A 74 8.57 -16.42 -16.97
C THR A 74 8.59 -16.95 -15.55
N LEU A 75 9.30 -18.05 -15.34
CA LEU A 75 9.43 -18.63 -14.01
C LEU A 75 10.07 -17.63 -13.07
N HIS A 76 10.95 -16.80 -13.63
CA HIS A 76 11.64 -15.77 -12.87
C HIS A 76 10.69 -14.69 -12.36
N ASP A 77 9.71 -14.33 -13.18
CA ASP A 77 8.75 -13.30 -12.79
C ASP A 77 7.66 -13.86 -11.86
N GLN A 78 7.35 -15.14 -12.03
CA GLN A 78 6.41 -15.80 -11.13
C GLN A 78 6.98 -15.82 -9.71
N VAL A 79 8.26 -16.15 -9.61
CA VAL A 79 8.96 -16.16 -8.33
C VAL A 79 8.91 -14.79 -7.66
N HIS A 80 9.20 -13.75 -8.43
CA HIS A 80 9.23 -12.39 -7.91
C HIS A 80 7.87 -11.96 -7.37
N LEU A 81 6.81 -12.23 -8.13
CA LEU A 81 5.46 -11.86 -7.73
C LEU A 81 5.07 -12.50 -6.40
N LEU A 82 5.25 -13.81 -6.29
CA LEU A 82 4.90 -14.52 -5.06
C LEU A 82 5.77 -14.08 -3.90
N GLU A 83 7.06 -13.88 -4.15
CA GLU A 83 7.98 -13.41 -3.12
C GLU A 83 7.54 -12.07 -2.56
N CYS A 84 6.97 -11.23 -3.42
CA CYS A 84 6.57 -9.88 -3.04
C CYS A 84 5.21 -9.85 -2.34
N ALA A 85 4.31 -10.74 -2.73
CA ALA A 85 2.91 -10.65 -2.32
C ALA A 85 2.45 -11.74 -1.34
N TRP A 86 3.31 -12.69 -1.02
CA TRP A 86 2.90 -13.85 -0.23
C TRP A 86 2.23 -13.49 1.11
N LEU A 87 2.82 -12.58 1.86
CA LEU A 87 2.27 -12.20 3.16
C LEU A 87 0.97 -11.39 3.02
N GLU A 88 0.89 -10.58 1.97
CA GLU A 88 -0.34 -9.85 1.67
C GLU A 88 -1.46 -10.83 1.38
N ILE A 89 -1.14 -11.87 0.62
CA ILE A 89 -2.12 -12.87 0.24
C ILE A 89 -2.59 -13.70 1.43
N LEU A 90 -1.67 -14.04 2.32
CA LEU A 90 -2.02 -14.73 3.55
C LEU A 90 -2.94 -13.86 4.41
N MET A 91 -2.65 -12.56 4.43
CA MET A 91 -3.40 -11.63 5.26
C MET A 91 -4.82 -11.39 4.76
N ILE A 92 -4.99 -11.19 3.46
CA ILE A 92 -6.32 -10.93 2.91
C ILE A 92 -7.21 -12.16 3.06
N GLY A 93 -6.62 -13.34 2.96
CA GLY A 93 -7.35 -14.57 3.19
C GLY A 93 -7.77 -14.67 4.64
N LEU A 94 -6.87 -14.30 5.54
CA LEU A 94 -7.15 -14.32 6.96
C LEU A 94 -8.34 -13.44 7.33
N VAL A 95 -8.29 -12.18 6.88
CA VAL A 95 -9.35 -11.23 7.20
C VAL A 95 -10.68 -11.65 6.56
N TRP A 96 -10.60 -12.37 5.45
CA TRP A 96 -11.80 -12.91 4.81
C TRP A 96 -12.42 -14.00 5.67
N ARG A 97 -11.57 -14.89 6.19
CA ARG A 97 -12.03 -15.98 7.04
C ARG A 97 -12.62 -15.46 8.35
N SER A 98 -12.16 -14.28 8.76
CA SER A 98 -12.51 -13.73 10.07
C SER A 98 -13.68 -12.75 10.02
N MET A 99 -14.15 -12.45 8.82
CA MET A 99 -15.24 -11.49 8.65
C MET A 99 -16.41 -11.73 9.59
N GLU A 100 -16.83 -12.98 9.68
CA GLU A 100 -18.02 -13.34 10.47
C GLU A 100 -17.67 -13.62 11.93
N HIS A 101 -16.46 -13.22 12.34
CA HIS A 101 -16.03 -13.40 13.72
C HIS A 101 -15.48 -12.09 14.28
N PRO A 102 -16.37 -11.13 14.57
CA PRO A 102 -15.97 -9.82 15.08
C PRO A 102 -15.04 -9.92 16.29
N GLY A 103 -13.91 -9.22 16.22
CA GLY A 103 -12.96 -9.19 17.32
C GLY A 103 -12.04 -10.40 17.36
N LYS A 104 -12.20 -11.30 16.41
CA LYS A 104 -11.38 -12.51 16.37
C LYS A 104 -10.74 -12.73 15.01
N LEU A 105 -9.60 -13.42 15.01
CA LEU A 105 -8.92 -13.79 13.78
C LEU A 105 -8.91 -15.30 13.60
N LEU A 106 -9.58 -15.77 12.56
CA LEU A 106 -9.67 -17.20 12.29
C LEU A 106 -8.51 -17.67 11.44
N PHE A 107 -7.38 -17.93 12.08
CA PHE A 107 -6.21 -18.48 11.39
C PHE A 107 -6.54 -19.87 10.89
N ALA A 108 -7.32 -20.60 11.68
CA ALA A 108 -7.78 -21.93 11.32
C ALA A 108 -9.07 -22.23 12.07
N PRO A 109 -9.84 -23.20 11.59
CA PRO A 109 -11.08 -23.58 12.29
C PRO A 109 -10.81 -23.93 13.75
N ASN A 110 -9.60 -24.43 14.03
CA ASN A 110 -9.22 -24.79 15.39
C ASN A 110 -8.25 -23.79 16.02
N LEU A 111 -8.13 -22.62 15.39
CA LEU A 111 -7.27 -21.56 15.91
C LEU A 111 -7.92 -20.19 15.71
N LEU A 112 -8.74 -19.80 16.69
CA LEU A 112 -9.48 -18.54 16.62
C LEU A 112 -8.98 -17.62 17.72
N LEU A 113 -8.22 -16.59 17.33
CA LEU A 113 -7.55 -15.73 18.32
C LEU A 113 -8.10 -14.31 18.38
N ASP A 114 -8.17 -13.78 19.60
CA ASP A 114 -8.53 -12.37 19.81
C ASP A 114 -7.26 -11.57 20.06
N ARG A 115 -7.38 -10.25 20.09
CA ARG A 115 -6.21 -9.37 20.20
C ARG A 115 -5.40 -9.63 21.47
N ASN A 116 -6.09 -9.97 22.55
CA ASN A 116 -5.42 -10.23 23.83
C ASN A 116 -4.50 -11.44 23.77
N GLN A 117 -4.85 -12.41 22.93
CA GLN A 117 -4.02 -13.59 22.73
C GLN A 117 -2.82 -13.23 21.86
N GLY A 118 -2.96 -12.18 21.07
CA GLY A 118 -1.86 -11.67 20.27
C GLY A 118 -0.77 -11.08 21.14
N LYS A 119 -1.15 -10.65 22.34
CA LYS A 119 -0.22 -10.04 23.27
C LYS A 119 0.85 -11.03 23.71
N CYS A 120 0.57 -12.32 23.54
CA CYS A 120 1.51 -13.36 23.92
C CYS A 120 2.87 -13.18 23.25
N VAL A 121 2.84 -12.73 22.00
CA VAL A 121 4.05 -12.47 21.24
C VAL A 121 4.39 -10.98 21.24
N GLU A 122 5.65 -10.66 21.49
CA GLU A 122 6.12 -9.28 21.52
C GLU A 122 5.91 -8.58 20.19
N GLY A 123 5.17 -7.48 20.22
CA GLY A 123 4.95 -6.64 19.05
C GLY A 123 3.92 -7.15 18.06
N MET A 124 3.25 -8.25 18.40
CA MET A 124 2.31 -8.86 17.45
C MET A 124 0.89 -8.31 17.54
N VAL A 125 0.51 -7.81 18.72
CA VAL A 125 -0.85 -7.31 18.90
C VAL A 125 -1.15 -6.12 17.97
N GLU A 126 -0.15 -5.31 17.70
CA GLU A 126 -0.30 -4.18 16.78
C GLU A 126 -0.71 -4.68 15.41
N ILE A 127 -0.16 -5.83 15.02
CA ILE A 127 -0.47 -6.43 13.74
C ILE A 127 -1.87 -7.05 13.76
N PHE A 128 -2.20 -7.70 14.87
CA PHE A 128 -3.55 -8.24 15.05
C PHE A 128 -4.60 -7.14 14.95
N ASP A 129 -4.32 -6.01 15.61
CA ASP A 129 -5.23 -4.87 15.59
C ASP A 129 -5.51 -4.39 14.17
N MET A 130 -4.46 -4.27 13.37
CA MET A 130 -4.60 -3.83 11.99
C MET A 130 -5.41 -4.83 11.17
N LEU A 131 -5.12 -6.13 11.35
CA LEU A 131 -5.84 -7.18 10.65
C LEU A 131 -7.32 -7.18 11.03
N LEU A 132 -7.59 -7.01 12.31
CA LEU A 132 -8.97 -6.98 12.81
C LEU A 132 -9.75 -5.79 12.25
N ALA A 133 -9.09 -4.65 12.13
CA ALA A 133 -9.71 -3.46 11.57
C ALA A 133 -10.03 -3.66 10.09
N THR A 134 -9.14 -4.36 9.39
CA THR A 134 -9.36 -4.67 7.99
C THR A 134 -10.55 -5.61 7.85
N SER A 135 -10.62 -6.60 8.74
CA SER A 135 -11.73 -7.54 8.75
C SER A 135 -13.05 -6.81 9.03
N SER A 136 -13.00 -5.85 9.93
CA SER A 136 -14.16 -5.04 10.26
C SER A 136 -14.60 -4.19 9.08
N ARG A 137 -13.63 -3.67 8.34
CA ARG A 137 -13.90 -2.86 7.16
C ARG A 137 -14.59 -3.68 6.08
N PHE A 138 -14.10 -4.90 5.85
CA PHE A 138 -14.71 -5.81 4.89
C PHE A 138 -16.15 -6.13 5.29
N ARG A 139 -16.36 -6.36 6.58
CA ARG A 139 -17.68 -6.68 7.10
C ARG A 139 -18.63 -5.51 6.86
N MET A 140 -18.15 -4.31 7.11
CA MET A 140 -18.94 -3.10 6.93
C MET A 140 -19.30 -2.87 5.46
N MET A 141 -18.37 -3.21 4.57
CA MET A 141 -18.60 -3.05 3.14
C MET A 141 -19.43 -4.20 2.57
N ASN A 142 -19.63 -5.24 3.39
CA ASN A 142 -20.34 -6.43 2.96
C ASN A 142 -19.63 -7.07 1.76
N LEU A 143 -18.32 -7.22 1.88
CA LEU A 143 -17.51 -7.80 0.81
C LEU A 143 -18.03 -9.17 0.40
N GLN A 144 -18.10 -9.40 -0.91
CA GLN A 144 -18.59 -10.67 -1.44
C GLN A 144 -17.44 -11.60 -1.80
N GLY A 145 -17.74 -12.90 -1.82
CA GLY A 145 -16.75 -13.90 -2.15
C GLY A 145 -16.12 -13.68 -3.51
N GLU A 146 -16.95 -13.34 -4.50
CA GLU A 146 -16.47 -13.08 -5.85
C GLU A 146 -15.53 -11.87 -5.88
N GLU A 147 -15.86 -10.85 -5.09
CA GLU A 147 -15.03 -9.66 -4.99
C GLU A 147 -13.70 -9.99 -4.33
N PHE A 148 -13.74 -10.84 -3.31
CA PHE A 148 -12.55 -11.23 -2.57
C PHE A 148 -11.52 -11.92 -3.47
N VAL A 149 -11.95 -12.93 -4.22
CA VAL A 149 -11.04 -13.66 -5.08
C VAL A 149 -10.42 -12.76 -6.15
N CYS A 150 -11.17 -11.72 -6.56
CA CYS A 150 -10.65 -10.74 -7.50
C CYS A 150 -9.57 -9.88 -6.85
N LEU A 151 -9.81 -9.46 -5.62
CA LEU A 151 -8.85 -8.64 -4.88
C LEU A 151 -7.56 -9.40 -4.62
N LYS A 152 -7.68 -10.67 -4.27
CA LYS A 152 -6.52 -11.49 -3.94
C LYS A 152 -5.64 -11.71 -5.17
N SER A 153 -6.26 -11.88 -6.33
CA SER A 153 -5.52 -12.06 -7.57
C SER A 153 -4.88 -10.75 -8.03
N ILE A 154 -5.53 -9.63 -7.71
CA ILE A 154 -4.96 -8.32 -8.02
C ILE A 154 -3.68 -8.10 -7.22
N ILE A 155 -3.69 -8.50 -5.96
CA ILE A 155 -2.52 -8.40 -5.10
C ILE A 155 -1.36 -9.21 -5.66
N LEU A 156 -1.64 -10.42 -6.11
CA LEU A 156 -0.63 -11.29 -6.69
C LEU A 156 0.07 -10.63 -7.88
N LEU A 157 -0.73 -10.06 -8.78
CA LEU A 157 -0.21 -9.52 -10.03
C LEU A 157 0.36 -8.10 -9.89
N ASN A 158 -0.14 -7.34 -8.93
CA ASN A 158 0.21 -5.93 -8.81
C ASN A 158 1.40 -5.63 -7.90
N SER A 159 1.43 -6.25 -6.73
CA SER A 159 2.40 -5.91 -5.69
C SER A 159 3.85 -5.89 -6.16
N GLY A 160 4.23 -6.83 -7.01
CA GLY A 160 5.61 -6.95 -7.43
C GLY A 160 5.91 -6.43 -8.83
N VAL A 161 4.88 -5.99 -9.55
CA VAL A 161 5.04 -5.58 -10.94
C VAL A 161 5.92 -4.34 -11.09
N TYR A 162 5.91 -3.47 -10.08
CA TYR A 162 6.64 -2.20 -10.16
C TYR A 162 8.13 -2.36 -9.86
N THR A 163 8.52 -3.55 -9.41
CA THR A 163 9.90 -3.79 -9.03
C THR A 163 10.63 -4.77 -9.96
N PHE A 164 10.09 -4.96 -11.16
CA PHE A 164 10.72 -5.83 -12.14
C PHE A 164 12.11 -5.31 -12.51
N THR A 168 14.56 -3.57 -17.62
CA THR A 168 14.04 -3.30 -18.96
C THR A 168 14.68 -4.18 -20.03
N LEU A 169 13.86 -4.54 -21.02
CA LEU A 169 14.27 -5.41 -22.12
C LEU A 169 13.01 -5.81 -22.86
N LYS A 170 12.34 -6.83 -22.32
CA LYS A 170 10.99 -7.22 -22.74
C LYS A 170 10.62 -8.59 -22.18
N SER A 171 10.45 -8.75 -20.87
CA SER A 171 10.52 -7.69 -19.84
C SER A 171 9.44 -6.62 -19.90
N LEU A 172 9.58 -5.66 -20.80
CA LEU A 172 8.54 -4.65 -20.99
C LEU A 172 7.25 -5.32 -21.43
N GLU A 173 7.38 -6.50 -22.02
CA GLU A 173 6.23 -7.28 -22.48
C GLU A 173 5.58 -8.02 -21.30
N GLU A 174 6.39 -8.42 -20.34
CA GLU A 174 5.90 -9.09 -19.14
C GLU A 174 5.01 -8.14 -18.34
N LYS A 175 5.42 -6.88 -18.24
CA LYS A 175 4.65 -5.87 -17.53
C LYS A 175 3.32 -5.58 -18.23
N ASP A 176 3.37 -5.47 -19.54
CA ASP A 176 2.17 -5.16 -20.32
C ASP A 176 1.14 -6.28 -20.19
N HIS A 177 1.60 -7.52 -20.26
CA HIS A 177 0.72 -8.68 -20.11
C HIS A 177 0.06 -8.66 -18.73
N ILE A 178 0.83 -8.37 -17.70
CA ILE A 178 0.32 -8.29 -16.35
C ILE A 178 -0.77 -7.23 -16.22
N HIS A 179 -0.52 -6.06 -16.82
CA HIS A 179 -1.48 -4.97 -16.76
C HIS A 179 -2.75 -5.28 -17.54
N ARG A 180 -2.61 -6.03 -18.63
CA ARG A 180 -3.77 -6.45 -19.40
C ARG A 180 -4.69 -7.33 -18.56
N VAL A 181 -4.09 -8.29 -17.86
CA VAL A 181 -4.86 -9.19 -17.00
C VAL A 181 -5.49 -8.43 -15.85
N LEU A 182 -4.73 -7.51 -15.26
CA LEU A 182 -5.26 -6.66 -14.19
C LEU A 182 -6.49 -5.90 -14.66
N ASP A 183 -6.43 -5.37 -15.88
CA ASP A 183 -7.57 -4.65 -16.46
C ASP A 183 -8.79 -5.55 -16.58
N LYS A 184 -8.55 -6.81 -16.96
CA LYS A 184 -9.64 -7.78 -17.11
C LYS A 184 -10.33 -8.03 -15.77
N ILE A 185 -9.55 -8.06 -14.70
CA ILE A 185 -10.10 -8.26 -13.36
C ILE A 185 -10.88 -7.01 -12.93
N THR A 186 -10.40 -5.85 -13.34
CA THR A 186 -11.13 -4.61 -13.10
C THR A 186 -12.49 -4.68 -13.78
N ASP A 187 -12.49 -5.13 -15.03
CA ASP A 187 -13.73 -5.33 -15.78
C ASP A 187 -14.64 -6.29 -15.03
N THR A 188 -14.04 -7.34 -14.46
CA THR A 188 -14.78 -8.37 -13.75
C THR A 188 -15.44 -7.81 -12.48
N LEU A 189 -14.68 -7.05 -11.71
CA LEU A 189 -15.20 -6.43 -10.49
C LEU A 189 -16.39 -5.52 -10.79
N ILE A 190 -16.23 -4.64 -11.77
CA ILE A 190 -17.30 -3.75 -12.18
C ILE A 190 -18.53 -4.55 -12.61
N HIS A 191 -18.30 -5.54 -13.48
CA HIS A 191 -19.38 -6.39 -13.95
C HIS A 191 -20.13 -7.05 -12.80
N LEU A 192 -19.38 -7.47 -11.78
CA LEU A 192 -19.98 -8.07 -10.59
C LEU A 192 -20.87 -7.07 -9.86
N MET A 193 -20.38 -5.84 -9.71
CA MET A 193 -21.10 -4.80 -9.01
C MET A 193 -22.36 -4.39 -9.78
N ALA A 194 -22.26 -4.35 -11.09
CA ALA A 194 -23.40 -4.02 -11.95
C ALA A 194 -24.50 -5.06 -11.78
N LYS A 195 -24.11 -6.34 -11.82
CA LYS A 195 -25.06 -7.44 -11.62
C LYS A 195 -25.73 -7.33 -10.27
N ALA A 196 -24.96 -6.96 -9.25
CA ALA A 196 -25.47 -6.85 -7.89
C ALA A 196 -26.49 -5.71 -7.75
N GLY A 197 -26.56 -4.85 -8.77
CA GLY A 197 -27.54 -3.80 -8.80
C GLY A 197 -27.03 -2.43 -8.38
N LEU A 198 -25.72 -2.32 -8.18
CA LEU A 198 -25.12 -1.03 -7.84
C LEU A 198 -25.23 -0.06 -9.00
N THR A 199 -25.52 1.20 -8.70
CA THR A 199 -25.60 2.23 -9.72
C THR A 199 -24.22 2.46 -10.33
N LEU A 200 -24.18 3.06 -11.51
CA LEU A 200 -22.93 3.34 -12.20
C LEU A 200 -21.97 4.11 -11.29
N GLN A 201 -22.53 5.04 -10.52
CA GLN A 201 -21.74 5.86 -9.60
C GLN A 201 -21.22 5.03 -8.43
N GLN A 202 -22.12 4.22 -7.85
CA GLN A 202 -21.75 3.33 -6.75
C GLN A 202 -20.66 2.36 -7.18
N GLN A 203 -20.67 1.99 -8.46
CA GLN A 203 -19.70 1.04 -8.99
C GLN A 203 -18.26 1.53 -8.87
N HIS A 204 -17.98 2.73 -9.37
CA HIS A 204 -16.62 3.24 -9.33
C HIS A 204 -16.23 3.70 -7.92
N GLN A 205 -17.22 4.00 -7.10
CA GLN A 205 -16.96 4.36 -5.71
C GLN A 205 -16.53 3.14 -4.91
N ARG A 206 -17.23 2.02 -5.10
CA ARG A 206 -16.90 0.78 -4.41
C ARG A 206 -15.57 0.23 -4.91
N LEU A 207 -15.36 0.30 -6.22
CA LEU A 207 -14.10 -0.14 -6.82
C LEU A 207 -12.93 0.56 -6.14
N ALA A 208 -13.07 1.87 -5.93
CA ALA A 208 -12.04 2.66 -5.28
C ALA A 208 -11.85 2.26 -3.83
N GLN A 209 -12.96 2.06 -3.12
CA GLN A 209 -12.92 1.67 -1.72
C GLN A 209 -12.17 0.34 -1.54
N LEU A 210 -12.47 -0.62 -2.40
CA LEU A 210 -11.85 -1.94 -2.32
C LEU A 210 -10.35 -1.88 -2.64
N LEU A 211 -9.99 -1.10 -3.65
CA LEU A 211 -8.60 -1.02 -4.08
C LEU A 211 -7.73 -0.22 -3.10
N LEU A 212 -8.35 0.74 -2.42
CA LEU A 212 -7.63 1.54 -1.43
C LEU A 212 -7.29 0.73 -0.18
N ILE A 213 -8.07 -0.31 0.08
CA ILE A 213 -7.81 -1.20 1.20
C ILE A 213 -6.52 -1.98 0.97
N LEU A 214 -6.21 -2.23 -0.30
CA LEU A 214 -4.99 -2.95 -0.66
C LEU A 214 -3.75 -2.16 -0.21
N SER A 215 -3.90 -0.85 -0.11
CA SER A 215 -2.81 0.00 0.37
C SER A 215 -2.51 -0.29 1.83
N HIS A 216 -3.57 -0.51 2.61
CA HIS A 216 -3.42 -0.84 4.02
C HIS A 216 -2.93 -2.28 4.19
N ILE A 217 -3.31 -3.15 3.27
CA ILE A 217 -2.87 -4.53 3.29
C ILE A 217 -1.37 -4.61 2.99
N ARG A 218 -0.92 -3.78 2.05
CA ARG A 218 0.51 -3.65 1.77
C ARG A 218 1.23 -3.20 3.03
N HIS A 219 0.65 -2.21 3.71
CA HIS A 219 1.23 -1.69 4.94
C HIS A 219 1.37 -2.78 5.99
N MET A 220 0.30 -3.54 6.20
CA MET A 220 0.32 -4.63 7.17
C MET A 220 1.39 -5.66 6.82
N SER A 221 1.57 -5.93 5.54
CA SER A 221 2.57 -6.87 5.08
C SER A 221 3.99 -6.39 5.42
N ASN A 222 4.25 -5.13 5.15
CA ASN A 222 5.55 -4.52 5.46
C ASN A 222 5.88 -4.64 6.94
N LYS A 223 4.89 -4.32 7.79
CA LYS A 223 5.06 -4.40 9.24
C LYS A 223 5.20 -5.84 9.70
N GLY A 224 4.42 -6.74 9.09
CA GLY A 224 4.46 -8.15 9.43
C GLY A 224 5.79 -8.78 9.06
N MET A 225 6.36 -8.33 7.95
CA MET A 225 7.64 -8.85 7.48
C MET A 225 8.74 -8.46 8.45
N GLU A 226 8.68 -7.22 8.94
CA GLU A 226 9.65 -6.73 9.91
C GLU A 226 9.51 -7.46 11.25
N HIS A 227 8.28 -7.79 11.62
CA HIS A 227 8.03 -8.50 12.86
C HIS A 227 8.54 -9.93 12.78
N LEU A 228 8.18 -10.62 11.69
CA LEU A 228 8.63 -11.98 11.46
C LEU A 228 10.15 -12.05 11.43
N TYR A 229 10.75 -11.05 10.80
CA TYR A 229 12.21 -10.96 10.68
C TYR A 229 12.87 -10.84 12.06
N SER A 230 12.31 -9.99 12.91
CA SER A 230 12.86 -9.76 14.25
C SER A 230 12.72 -11.00 15.12
N MET A 231 11.61 -11.71 14.98
CA MET A 231 11.41 -12.96 15.71
C MET A 231 12.47 -13.98 15.31
N LYS A 232 12.79 -14.01 14.02
CA LYS A 232 13.82 -14.90 13.50
C LYS A 232 15.18 -14.54 14.08
N CYS A 233 15.51 -13.25 14.05
CA CYS A 233 16.81 -12.76 14.47
C CYS A 233 17.01 -12.87 15.98
N LYS A 234 15.96 -13.24 16.70
CA LYS A 234 16.07 -13.43 18.13
C LYS A 234 15.91 -14.91 18.49
N ASN A 235 15.87 -15.75 17.46
CA ASN A 235 15.78 -17.20 17.64
C ASN A 235 14.56 -17.62 18.46
N VAL A 236 13.46 -16.88 18.29
CA VAL A 236 12.23 -17.20 18.98
C VAL A 236 11.57 -18.44 18.36
N VAL A 237 11.68 -18.56 17.05
CA VAL A 237 11.04 -19.64 16.33
C VAL A 237 11.87 -20.10 15.14
N PRO A 238 11.99 -21.42 14.93
CA PRO A 238 12.68 -21.97 13.76
C PRO A 238 11.78 -21.95 12.53
N LEU A 239 12.15 -21.15 11.54
CA LEU A 239 11.34 -21.03 10.33
C LEU A 239 11.75 -22.08 9.28
N SER A 240 10.76 -22.55 8.53
CA SER A 240 11.04 -23.51 7.46
C SER A 240 11.94 -22.87 6.41
N ASP A 241 12.62 -23.70 5.64
CA ASP A 241 13.50 -23.21 4.58
C ASP A 241 12.75 -22.34 3.59
N LEU A 242 11.54 -22.76 3.23
CA LEU A 242 10.70 -22.00 2.32
C LEU A 242 10.38 -20.63 2.91
N LEU A 243 9.97 -20.62 4.16
CA LEU A 243 9.62 -19.39 4.86
C LEU A 243 10.84 -18.47 4.95
N LEU A 244 11.99 -19.04 5.28
CA LEU A 244 13.23 -18.27 5.37
C LEU A 244 13.53 -17.61 4.04
N GLU A 245 13.28 -18.32 2.94
CA GLU A 245 13.59 -17.78 1.61
C GLU A 245 12.60 -16.68 1.20
N MET A 246 11.32 -16.87 1.51
CA MET A 246 10.32 -15.84 1.25
C MET A 246 10.64 -14.56 2.03
N LEU A 247 11.02 -14.73 3.30
CA LEU A 247 11.39 -13.61 4.15
C LEU A 247 12.68 -12.95 3.66
N ASP A 248 13.59 -13.78 3.15
CA ASP A 248 14.89 -13.29 2.67
C ASP A 248 14.76 -12.45 1.41
N ALA A 249 13.69 -12.70 0.64
CA ALA A 249 13.48 -11.98 -0.62
C ALA A 249 13.23 -10.50 -0.38
N HIS A 250 12.82 -10.14 0.83
CA HIS A 250 12.52 -8.75 1.17
C HIS A 250 13.70 -8.08 1.86
N ARG A 251 14.89 -8.63 1.66
CA ARG A 251 16.10 -8.07 2.25
C ARG A 251 17.35 -8.63 1.58
N SER B 8 -19.68 18.68 6.83
CA SER B 8 -20.35 19.31 5.69
C SER B 8 -19.43 20.21 4.87
N LEU B 9 -20.03 20.93 3.91
CA LEU B 9 -19.31 21.86 3.01
C LEU B 9 -18.58 21.20 1.84
N ALA B 10 -17.59 20.36 2.16
CA ALA B 10 -16.79 19.69 1.14
C ALA B 10 -17.61 18.66 0.36
N LEU B 11 -18.73 18.25 0.93
CA LEU B 11 -19.58 17.24 0.31
C LEU B 11 -20.49 17.86 -0.75
N SER B 12 -20.58 19.18 -0.76
CA SER B 12 -21.43 19.88 -1.72
C SER B 12 -20.67 20.24 -2.98
N LEU B 13 -19.34 20.29 -2.87
CA LEU B 13 -18.49 20.66 -4.00
C LEU B 13 -18.79 19.85 -5.24
N THR B 14 -18.73 20.49 -6.40
CA THR B 14 -18.86 19.80 -7.67
C THR B 14 -17.52 19.20 -8.04
N ALA B 15 -17.51 18.39 -9.09
CA ALA B 15 -16.27 17.77 -9.56
C ALA B 15 -15.26 18.84 -9.97
N ASP B 16 -15.74 19.86 -10.68
CA ASP B 16 -14.88 20.96 -11.12
C ASP B 16 -14.39 21.78 -9.93
N GLN B 17 -15.26 21.94 -8.93
CA GLN B 17 -14.92 22.70 -7.74
C GLN B 17 -13.86 21.98 -6.90
N MET B 18 -13.93 20.66 -6.88
CA MET B 18 -12.96 19.85 -6.17
C MET B 18 -11.58 20.01 -6.81
N VAL B 19 -11.55 19.93 -8.13
CA VAL B 19 -10.30 20.06 -8.88
C VAL B 19 -9.61 21.40 -8.63
N SER B 20 -10.33 22.49 -8.86
CA SER B 20 -9.78 23.82 -8.70
C SER B 20 -9.40 24.10 -7.25
N ALA B 21 -10.16 23.52 -6.32
CA ALA B 21 -9.84 23.66 -4.90
C ALA B 21 -8.51 22.99 -4.59
N LEU B 22 -8.29 21.82 -5.19
CA LEU B 22 -7.04 21.08 -5.00
C LEU B 22 -5.88 21.75 -5.72
N LEU B 23 -6.13 22.25 -6.92
CA LEU B 23 -5.11 22.95 -7.69
C LEU B 23 -4.64 24.21 -6.97
N ASP B 24 -5.58 24.95 -6.39
CA ASP B 24 -5.27 26.18 -5.66
C ASP B 24 -4.50 25.90 -4.37
N ALA B 25 -4.72 24.72 -3.80
CA ALA B 25 -4.11 24.36 -2.54
C ALA B 25 -2.67 23.88 -2.71
N GLU B 26 -2.31 23.55 -3.95
CA GLU B 26 -0.96 23.03 -4.24
C GLU B 26 0.15 23.84 -3.59
N PRO B 27 1.09 23.15 -2.93
CA PRO B 27 2.25 23.78 -2.30
C PRO B 27 3.27 24.20 -3.35
N PRO B 28 4.19 25.09 -2.99
CA PRO B 28 5.22 25.56 -3.92
C PRO B 28 6.33 24.54 -4.10
N ILE B 29 7.06 24.65 -5.20
CA ILE B 29 8.22 23.80 -5.43
C ILE B 29 9.47 24.44 -4.83
N LEU B 30 9.91 23.90 -3.70
CA LEU B 30 11.03 24.48 -2.96
C LEU B 30 12.37 24.22 -3.64
N TYR B 31 13.34 25.08 -3.36
CA TYR B 31 14.69 24.92 -3.88
C TYR B 31 15.60 24.30 -2.83
N SER B 32 16.65 23.64 -3.30
CA SER B 32 17.68 23.11 -2.41
C SER B 32 18.75 24.18 -2.20
N GLU B 33 19.45 24.11 -1.06
CA GLU B 33 20.56 25.03 -0.81
C GLU B 33 21.80 24.52 -1.51
N TYR B 34 21.68 23.35 -2.15
CA TYR B 34 22.81 22.71 -2.83
C TYR B 34 23.74 23.68 -3.54
N ASP B 35 25.02 23.60 -3.21
CA ASP B 35 26.05 24.34 -3.93
C ASP B 35 26.67 23.41 -4.98
N PRO B 36 26.28 23.60 -6.24
CA PRO B 36 26.64 22.70 -7.34
C PRO B 36 28.15 22.64 -7.63
N THR B 37 28.93 23.46 -6.92
CA THR B 37 30.37 23.49 -7.14
C THR B 37 31.08 22.41 -6.33
N ARG B 38 30.42 21.93 -5.28
CA ARG B 38 31.00 20.92 -4.40
C ARG B 38 30.40 19.55 -4.62
N PRO B 39 31.26 18.53 -4.77
CA PRO B 39 30.84 17.13 -4.94
C PRO B 39 30.12 16.62 -3.70
N PHE B 40 29.43 15.49 -3.84
CA PHE B 40 28.63 14.94 -2.75
C PHE B 40 29.42 14.02 -1.82
N SER B 41 29.09 14.07 -0.54
CA SER B 41 29.50 13.05 0.41
C SER B 41 28.22 12.37 0.88
N GLU B 42 28.34 11.26 1.59
CA GLU B 42 27.16 10.59 2.10
C GLU B 42 26.40 11.52 3.04
N ALA B 43 27.15 12.23 3.89
CA ALA B 43 26.56 13.14 4.86
C ALA B 43 25.94 14.37 4.22
N SER B 44 26.62 14.93 3.23
CA SER B 44 26.16 16.17 2.60
C SER B 44 24.86 15.95 1.82
N MET B 45 24.71 14.79 1.19
CA MET B 45 23.51 14.50 0.43
C MET B 45 22.32 14.23 1.34
N MET B 46 22.56 13.50 2.43
CA MET B 46 21.50 13.27 3.42
C MET B 46 21.06 14.59 4.03
N GLY B 47 22.02 15.48 4.26
CA GLY B 47 21.72 16.79 4.79
C GLY B 47 20.82 17.58 3.86
N LEU B 48 21.16 17.58 2.58
CA LEU B 48 20.37 18.29 1.58
C LEU B 48 18.95 17.73 1.50
N LEU B 49 18.84 16.41 1.39
CA LEU B 49 17.55 15.76 1.21
C LEU B 49 16.63 15.92 2.43
N THR B 50 17.21 15.80 3.62
CA THR B 50 16.42 15.91 4.85
C THR B 50 16.07 17.37 5.15
N ASN B 51 16.98 18.28 4.86
CA ASN B 51 16.71 19.71 4.98
C ASN B 51 15.54 20.09 4.08
N LEU B 52 15.53 19.56 2.88
CA LEU B 52 14.46 19.78 1.92
C LEU B 52 13.13 19.25 2.46
N ALA B 53 13.14 17.98 2.86
CA ALA B 53 11.93 17.33 3.38
C ALA B 53 11.35 18.11 4.55
N ASP B 54 12.23 18.59 5.43
CA ASP B 54 11.79 19.34 6.60
C ASP B 54 11.03 20.60 6.20
N ARG B 55 11.53 21.31 5.19
CA ARG B 55 10.89 22.53 4.72
C ARG B 55 9.60 22.22 3.97
N GLU B 56 9.58 21.12 3.25
CA GLU B 56 8.38 20.70 2.52
C GLU B 56 7.26 20.31 3.49
N LEU B 57 7.63 19.75 4.63
CA LEU B 57 6.66 19.35 5.64
C LEU B 57 5.84 20.53 6.14
N VAL B 58 6.50 21.67 6.34
CA VAL B 58 5.82 22.88 6.81
C VAL B 58 4.73 23.29 5.82
N HIS B 59 5.05 23.22 4.53
CA HIS B 59 4.09 23.56 3.49
C HIS B 59 3.01 22.49 3.36
N MET B 60 3.39 21.23 3.55
CA MET B 60 2.45 20.12 3.47
C MET B 60 1.33 20.28 4.50
N ILE B 61 1.72 20.65 5.71
CA ILE B 61 0.76 20.82 6.81
C ILE B 61 -0.28 21.88 6.48
N ASN B 62 0.15 22.96 5.83
CA ASN B 62 -0.77 24.03 5.45
C ASN B 62 -1.58 23.68 4.20
N TRP B 63 -1.01 22.82 3.36
CA TRP B 63 -1.73 22.31 2.21
C TRP B 63 -2.84 21.36 2.66
N ALA B 64 -2.51 20.50 3.60
CA ALA B 64 -3.47 19.54 4.14
C ALA B 64 -4.71 20.27 4.66
N LYS B 65 -4.51 21.41 5.31
CA LYS B 65 -5.63 22.18 5.86
C LYS B 65 -6.51 22.77 4.77
N ARG B 66 -5.99 22.79 3.53
CA ARG B 66 -6.74 23.34 2.41
C ARG B 66 -7.42 22.25 1.59
N VAL B 67 -7.18 20.99 1.97
CA VAL B 67 -7.86 19.87 1.34
C VAL B 67 -9.27 19.76 1.92
N PRO B 68 -10.29 19.90 1.06
CA PRO B 68 -11.69 19.92 1.46
C PRO B 68 -12.04 18.81 2.45
N GLY B 69 -12.60 19.18 3.59
CA GLY B 69 -13.04 18.23 4.58
C GLY B 69 -12.03 17.92 5.67
N PHE B 70 -10.77 18.28 5.42
CA PHE B 70 -9.69 17.95 6.36
C PHE B 70 -9.81 18.68 7.69
N VAL B 71 -10.18 19.96 7.64
CA VAL B 71 -10.32 20.76 8.86
C VAL B 71 -11.59 20.41 9.64
N ASP B 72 -12.48 19.65 9.00
CA ASP B 72 -13.69 19.20 9.68
C ASP B 72 -13.36 18.14 10.72
N LEU B 73 -12.19 17.51 10.55
CA LEU B 73 -11.74 16.47 11.46
C LEU B 73 -11.15 17.05 12.74
N THR B 74 -11.21 16.29 13.82
CA THR B 74 -10.59 16.71 15.08
C THR B 74 -9.09 16.94 14.89
N LEU B 75 -8.50 17.77 15.73
CA LEU B 75 -7.05 18.04 15.69
C LEU B 75 -6.26 16.73 15.76
N HIS B 76 -6.71 15.83 16.63
CA HIS B 76 -6.06 14.55 16.82
C HIS B 76 -6.03 13.71 15.55
N ASP B 77 -7.17 13.67 14.86
CA ASP B 77 -7.27 12.88 13.64
C ASP B 77 -6.45 13.46 12.49
N GLN B 78 -6.42 14.79 12.40
CA GLN B 78 -5.58 15.46 11.41
C GLN B 78 -4.13 15.05 11.62
N VAL B 79 -3.71 15.03 12.88
CA VAL B 79 -2.35 14.64 13.25
C VAL B 79 -2.06 13.22 12.79
N HIS B 80 -2.95 12.30 13.12
CA HIS B 80 -2.78 10.90 12.75
C HIS B 80 -2.60 10.73 11.24
N LEU B 81 -3.47 11.37 10.47
CA LEU B 81 -3.42 11.27 9.02
C LEU B 81 -2.09 11.74 8.44
N LEU B 82 -1.61 12.89 8.91
CA LEU B 82 -0.35 13.44 8.44
C LEU B 82 0.85 12.58 8.88
N GLU B 83 0.84 12.17 10.14
CA GLU B 83 1.91 11.32 10.66
C GLU B 83 2.05 10.04 9.85
N CYS B 84 0.91 9.47 9.44
CA CYS B 84 0.91 8.23 8.69
C CYS B 84 1.27 8.43 7.21
N ALA B 85 0.92 9.58 6.67
CA ALA B 85 0.98 9.78 5.22
C ALA B 85 2.09 10.71 4.72
N TRP B 86 2.79 11.37 5.64
CA TRP B 86 3.73 12.42 5.24
C TRP B 86 4.77 11.98 4.19
N LEU B 87 5.38 10.82 4.40
CA LEU B 87 6.42 10.35 3.47
C LEU B 87 5.84 9.91 2.13
N GLU B 88 4.64 9.35 2.15
CA GLU B 88 3.94 8.99 0.92
C GLU B 88 3.67 10.24 0.10
N ILE B 89 3.24 11.30 0.79
CA ILE B 89 2.92 12.55 0.13
C ILE B 89 4.15 13.22 -0.46
N LEU B 90 5.26 13.15 0.25
CA LEU B 90 6.53 13.66 -0.27
C LEU B 90 6.94 12.88 -1.51
N MET B 91 6.81 11.55 -1.44
CA MET B 91 7.21 10.67 -2.52
C MET B 91 6.41 10.88 -3.81
N ILE B 92 5.09 10.92 -3.70
CA ILE B 92 4.25 11.10 -4.88
C ILE B 92 4.49 12.47 -5.51
N GLY B 93 4.84 13.45 -4.69
CA GLY B 93 5.19 14.76 -5.19
C GLY B 93 6.48 14.68 -5.98
N LEU B 94 7.46 13.96 -5.43
CA LEU B 94 8.75 13.78 -6.09
C LEU B 94 8.59 13.11 -7.45
N VAL B 95 7.87 11.99 -7.49
CA VAL B 95 7.69 11.24 -8.72
C VAL B 95 6.96 12.06 -9.78
N TRP B 96 6.07 12.93 -9.34
CA TRP B 96 5.33 13.81 -10.25
C TRP B 96 6.25 14.86 -10.85
N ARG B 97 7.09 15.46 -10.01
CA ARG B 97 8.04 16.47 -10.47
C ARG B 97 9.07 15.87 -11.42
N SER B 98 9.34 14.58 -11.26
CA SER B 98 10.39 13.90 -12.02
C SER B 98 9.85 13.20 -13.25
N MET B 99 8.54 13.32 -13.47
CA MET B 99 7.88 12.57 -14.53
C MET B 99 8.51 12.79 -15.91
N GLU B 100 8.82 14.04 -16.23
CA GLU B 100 9.37 14.38 -17.53
C GLU B 100 10.90 14.41 -17.53
N HIS B 101 11.50 13.78 -16.54
CA HIS B 101 12.95 13.64 -16.47
C HIS B 101 13.33 12.18 -16.25
N PRO B 102 13.17 11.36 -17.31
CA PRO B 102 13.43 9.91 -17.25
C PRO B 102 14.81 9.60 -16.66
N GLY B 103 14.84 8.72 -15.65
CA GLY B 103 16.08 8.30 -15.04
C GLY B 103 16.60 9.29 -14.01
N LYS B 104 15.84 10.35 -13.76
CA LYS B 104 16.25 11.38 -12.82
C LYS B 104 15.18 11.66 -11.78
N LEU B 105 15.62 12.04 -10.57
CA LEU B 105 14.70 12.43 -9.51
C LEU B 105 14.85 13.92 -9.20
N LEU B 106 13.85 14.71 -9.58
CA LEU B 106 13.89 16.15 -9.35
C LEU B 106 13.41 16.48 -7.95
N PHE B 107 14.31 16.38 -6.98
CA PHE B 107 13.99 16.79 -5.62
C PHE B 107 13.73 18.28 -5.58
N ALA B 108 14.48 19.01 -6.40
CA ALA B 108 14.31 20.45 -6.55
C ALA B 108 14.83 20.86 -7.92
N PRO B 109 14.38 22.02 -8.42
CA PRO B 109 14.84 22.50 -9.74
C PRO B 109 16.36 22.55 -9.81
N ASN B 110 17.02 22.77 -8.68
CA ASN B 110 18.47 22.83 -8.63
C ASN B 110 19.09 21.59 -7.98
N LEU B 111 18.28 20.55 -7.82
CA LEU B 111 18.77 19.29 -7.29
C LEU B 111 18.16 18.11 -8.05
N LEU B 112 18.64 17.91 -9.27
CA LEU B 112 18.16 16.83 -10.12
C LEU B 112 19.15 15.65 -10.08
N LEU B 113 18.79 14.61 -9.35
CA LEU B 113 19.67 13.48 -9.14
C LEU B 113 19.29 12.27 -10.02
N ASP B 114 20.29 11.63 -10.60
CA ASP B 114 20.08 10.38 -11.33
C ASP B 114 20.31 9.18 -10.40
N ARG B 115 19.94 7.98 -10.84
CA ARG B 115 19.98 6.79 -9.97
C ARG B 115 21.35 6.54 -9.33
N ASN B 116 22.42 6.74 -10.10
CA ASN B 116 23.76 6.44 -9.61
C ASN B 116 24.19 7.30 -8.42
N GLN B 117 23.64 8.51 -8.35
CA GLN B 117 23.95 9.41 -7.24
C GLN B 117 23.25 8.97 -5.97
N GLY B 118 22.34 8.01 -6.10
CA GLY B 118 21.70 7.42 -4.94
C GLY B 118 22.66 6.51 -4.21
N LYS B 119 23.69 6.06 -4.93
CA LYS B 119 24.72 5.22 -4.34
C LYS B 119 25.60 6.02 -3.39
N CYS B 120 25.54 7.35 -3.49
CA CYS B 120 26.31 8.22 -2.61
C CYS B 120 25.94 7.97 -1.15
N VAL B 121 24.77 7.38 -0.93
CA VAL B 121 24.29 7.10 0.41
C VAL B 121 23.96 5.62 0.57
N GLU B 122 24.39 5.03 1.68
CA GLU B 122 24.21 3.60 1.92
C GLU B 122 22.74 3.19 1.90
N GLY B 123 22.40 2.28 0.99
CA GLY B 123 21.07 1.69 0.95
C GLY B 123 20.00 2.55 0.29
N MET B 124 20.38 3.72 -0.19
CA MET B 124 19.39 4.65 -0.75
C MET B 124 19.09 4.38 -2.22
N VAL B 125 20.04 3.79 -2.95
CA VAL B 125 19.86 3.56 -4.37
C VAL B 125 18.65 2.66 -4.65
N GLU B 126 18.42 1.68 -3.78
CA GLU B 126 17.26 0.80 -3.94
C GLU B 126 15.96 1.57 -3.85
N ILE B 127 15.95 2.61 -3.00
CA ILE B 127 14.77 3.45 -2.84
C ILE B 127 14.61 4.39 -4.05
N PHE B 128 15.74 4.86 -4.58
CA PHE B 128 15.72 5.65 -5.81
C PHE B 128 15.09 4.83 -6.94
N ASP B 129 15.52 3.57 -7.06
CA ASP B 129 15.02 2.68 -8.09
C ASP B 129 13.49 2.58 -8.07
N MET B 130 12.93 2.43 -6.87
CA MET B 130 11.48 2.33 -6.73
C MET B 130 10.77 3.62 -7.12
N LEU B 131 11.35 4.74 -6.72
CA LEU B 131 10.79 6.05 -7.05
C LEU B 131 10.82 6.29 -8.55
N LEU B 132 11.93 5.92 -9.19
CA LEU B 132 12.08 6.10 -10.62
C LEU B 132 11.09 5.25 -11.42
N ALA B 133 10.90 4.00 -10.98
CA ALA B 133 9.96 3.10 -11.63
C ALA B 133 8.54 3.62 -11.51
N THR B 134 8.25 4.31 -10.41
CA THR B 134 6.95 4.91 -10.21
C THR B 134 6.75 6.08 -11.15
N SER B 135 7.82 6.85 -11.35
CA SER B 135 7.78 8.00 -12.23
C SER B 135 7.61 7.56 -13.68
N SER B 136 8.23 6.44 -14.03
CA SER B 136 8.11 5.89 -15.38
C SER B 136 6.69 5.39 -15.63
N ARG B 137 6.08 4.78 -14.62
CA ARG B 137 4.71 4.32 -14.73
C ARG B 137 3.76 5.50 -14.93
N PHE B 138 3.94 6.56 -14.15
CA PHE B 138 3.17 7.78 -14.31
C PHE B 138 3.35 8.35 -15.71
N ARG B 139 4.60 8.36 -16.17
CA ARG B 139 4.93 8.93 -17.47
C ARG B 139 4.25 8.17 -18.61
N MET B 140 4.22 6.84 -18.52
CA MET B 140 3.62 6.02 -19.58
C MET B 140 2.10 6.07 -19.55
N MET B 141 1.53 6.28 -18.37
CA MET B 141 0.07 6.45 -18.25
C MET B 141 -0.32 7.85 -18.68
N ASN B 142 0.67 8.71 -18.85
CA ASN B 142 0.43 10.13 -19.16
C ASN B 142 -0.42 10.77 -18.07
N LEU B 143 0.00 10.60 -16.82
CA LEU B 143 -0.71 11.15 -15.68
C LEU B 143 -0.90 12.65 -15.82
N GLN B 144 -2.12 13.12 -15.57
CA GLN B 144 -2.44 14.54 -15.68
C GLN B 144 -2.38 15.24 -14.33
N GLY B 145 -2.09 16.53 -14.35
CA GLY B 145 -1.97 17.31 -13.13
C GLY B 145 -3.20 17.23 -12.24
N GLU B 146 -4.38 17.30 -12.86
CA GLU B 146 -5.63 17.21 -12.12
C GLU B 146 -5.79 15.84 -11.46
N GLU B 147 -5.27 14.81 -12.12
CA GLU B 147 -5.30 13.46 -11.56
C GLU B 147 -4.34 13.36 -10.38
N PHE B 148 -3.17 13.96 -10.53
CA PHE B 148 -2.14 13.94 -9.49
C PHE B 148 -2.65 14.51 -8.18
N VAL B 149 -3.25 15.70 -8.23
CA VAL B 149 -3.76 16.35 -7.04
C VAL B 149 -4.85 15.51 -6.35
N CYS B 150 -5.63 14.81 -7.15
CA CYS B 150 -6.65 13.91 -6.62
C CYS B 150 -6.00 12.74 -5.87
N LEU B 151 -4.99 12.15 -6.49
CA LEU B 151 -4.29 11.01 -5.90
C LEU B 151 -3.62 11.37 -4.57
N LYS B 152 -3.01 12.55 -4.52
CA LYS B 152 -2.29 12.98 -3.33
C LYS B 152 -3.23 13.22 -2.15
N SER B 153 -4.39 13.81 -2.42
CA SER B 153 -5.39 14.05 -1.38
C SER B 153 -5.97 12.73 -0.89
N ILE B 154 -6.09 11.77 -1.80
CA ILE B 154 -6.57 10.44 -1.45
C ILE B 154 -5.62 9.76 -0.46
N ILE B 155 -4.32 9.89 -0.71
CA ILE B 155 -3.30 9.33 0.17
C ILE B 155 -3.42 9.91 1.58
N LEU B 156 -3.59 11.23 1.67
CA LEU B 156 -3.71 11.91 2.95
C LEU B 156 -4.88 11.36 3.76
N LEU B 157 -6.03 11.22 3.10
CA LEU B 157 -7.25 10.81 3.78
C LEU B 157 -7.34 9.31 4.02
N ASN B 158 -6.75 8.53 3.11
CA ASN B 158 -6.91 7.07 3.14
C ASN B 158 -5.87 6.34 3.99
N SER B 159 -4.60 6.66 3.82
CA SER B 159 -3.51 5.92 4.43
C SER B 159 -3.69 5.64 5.93
N GLY B 160 -4.15 6.62 6.67
CA GLY B 160 -4.23 6.50 8.12
C GLY B 160 -5.60 6.22 8.69
N VAL B 161 -6.62 6.18 7.83
CA VAL B 161 -8.00 6.01 8.29
C VAL B 161 -8.26 4.64 8.93
N TYR B 162 -7.54 3.63 8.47
CA TYR B 162 -7.74 2.27 8.94
C TYR B 162 -7.21 2.04 10.35
N THR B 163 -6.38 2.96 10.82
CA THR B 163 -5.77 2.83 12.14
C THR B 163 -6.42 3.76 13.17
N PHE B 164 -7.54 4.36 12.79
CA PHE B 164 -8.33 5.15 13.73
C PHE B 164 -8.93 4.25 14.80
N LEU B 165 -8.78 4.63 16.06
CA LEU B 165 -9.44 3.92 17.15
C LEU B 165 -10.94 4.13 17.00
N SER B 166 -11.67 3.05 16.78
CA SER B 166 -13.12 3.12 16.64
C SER B 166 -13.74 3.30 18.02
N SER B 167 -14.98 2.87 18.18
CA SER B 167 -15.73 3.14 19.40
C SER B 167 -15.87 4.65 19.55
N THR B 168 -16.64 5.08 20.54
CA THR B 168 -16.98 6.50 20.69
C THR B 168 -17.71 7.01 19.45
N LEU B 169 -18.74 7.80 19.65
CA LEU B 169 -19.54 8.32 18.54
C LEU B 169 -18.70 9.18 17.60
N LYS B 170 -17.92 10.09 18.18
CA LYS B 170 -17.12 11.02 17.40
C LYS B 170 -16.20 10.33 16.40
N SER B 171 -15.61 9.20 16.81
CA SER B 171 -14.66 8.48 15.96
C SER B 171 -15.33 7.88 14.73
N LEU B 172 -16.44 7.21 14.93
CA LEU B 172 -17.18 6.61 13.82
C LEU B 172 -17.65 7.69 12.85
N GLU B 173 -17.98 8.86 13.40
CA GLU B 173 -18.40 9.99 12.59
C GLU B 173 -17.24 10.53 11.77
N GLU B 174 -16.03 10.42 12.31
CA GLU B 174 -14.83 10.88 11.62
C GLU B 174 -14.52 9.99 10.42
N LYS B 175 -14.51 8.67 10.65
CA LYS B 175 -14.21 7.71 9.59
C LYS B 175 -15.17 7.85 8.42
N ASP B 176 -16.46 8.01 8.74
CA ASP B 176 -17.49 8.11 7.71
C ASP B 176 -17.38 9.40 6.91
N HIS B 177 -16.97 10.48 7.59
CA HIS B 177 -16.73 11.75 6.90
C HIS B 177 -15.57 11.59 5.93
N ILE B 178 -14.52 10.92 6.38
CA ILE B 178 -13.34 10.69 5.55
C ILE B 178 -13.70 9.89 4.30
N HIS B 179 -14.54 8.87 4.47
CA HIS B 179 -14.95 8.03 3.35
C HIS B 179 -15.90 8.75 2.41
N ARG B 180 -16.76 9.61 2.95
CA ARG B 180 -17.62 10.44 2.13
C ARG B 180 -16.79 11.32 1.22
N VAL B 181 -15.82 12.02 1.81
CA VAL B 181 -14.92 12.89 1.06
C VAL B 181 -14.10 12.10 0.04
N LEU B 182 -13.68 10.89 0.44
CA LEU B 182 -12.93 10.02 -0.45
C LEU B 182 -13.76 9.63 -1.66
N ASP B 183 -15.05 9.39 -1.46
CA ASP B 183 -15.96 9.09 -2.56
C ASP B 183 -16.06 10.27 -3.52
N LYS B 184 -16.08 11.48 -2.95
CA LYS B 184 -16.14 12.70 -3.77
C LYS B 184 -14.93 12.82 -4.68
N ILE B 185 -13.75 12.54 -4.14
CA ILE B 185 -12.53 12.60 -4.93
C ILE B 185 -12.55 11.53 -6.02
N THR B 186 -13.10 10.37 -5.71
CA THR B 186 -13.28 9.32 -6.71
C THR B 186 -14.18 9.83 -7.82
N ASP B 187 -15.29 10.45 -7.45
CA ASP B 187 -16.19 11.06 -8.43
C ASP B 187 -15.43 12.04 -9.29
N THR B 188 -14.51 12.79 -8.67
CA THR B 188 -13.73 13.79 -9.36
C THR B 188 -12.79 13.15 -10.39
N LEU B 189 -12.05 12.13 -9.96
CA LEU B 189 -11.15 11.42 -10.85
C LEU B 189 -11.88 10.90 -12.08
N ILE B 190 -13.03 10.26 -11.85
CA ILE B 190 -13.85 9.74 -12.94
C ILE B 190 -14.32 10.86 -13.86
N HIS B 191 -14.73 11.98 -13.26
CA HIS B 191 -15.18 13.14 -14.02
C HIS B 191 -14.09 13.60 -14.97
N LEU B 192 -12.86 13.66 -14.48
CA LEU B 192 -11.72 14.09 -15.29
C LEU B 192 -11.49 13.16 -16.47
N MET B 193 -11.71 11.86 -16.26
CA MET B 193 -11.48 10.86 -17.30
C MET B 193 -12.61 10.89 -18.33
N ALA B 194 -13.84 11.06 -17.86
CA ALA B 194 -14.98 11.18 -18.76
C ALA B 194 -14.79 12.44 -19.61
N LYS B 195 -14.25 13.49 -19.00
CA LYS B 195 -14.03 14.75 -19.69
C LYS B 195 -12.92 14.61 -20.74
N ALA B 196 -12.00 13.69 -20.49
CA ALA B 196 -10.89 13.44 -21.41
C ALA B 196 -11.32 12.58 -22.59
N GLY B 197 -12.55 12.08 -22.55
CA GLY B 197 -13.10 11.31 -23.65
C GLY B 197 -12.98 9.82 -23.51
N LEU B 198 -12.49 9.35 -22.36
CA LEU B 198 -12.36 7.92 -22.12
C LEU B 198 -13.74 7.27 -22.03
N THR B 199 -13.86 6.07 -22.58
CA THR B 199 -15.11 5.32 -22.47
C THR B 199 -15.33 4.87 -21.03
N LEU B 200 -16.52 4.37 -20.76
CA LEU B 200 -16.86 3.91 -19.42
C LEU B 200 -15.89 2.84 -18.92
N GLN B 201 -15.57 1.91 -19.80
CA GLN B 201 -14.64 0.82 -19.47
C GLN B 201 -13.24 1.34 -19.21
N GLN B 202 -12.82 2.32 -20.02
CA GLN B 202 -11.48 2.90 -19.88
C GLN B 202 -11.34 3.69 -18.58
N GLN B 203 -12.41 4.38 -18.19
CA GLN B 203 -12.41 5.15 -16.95
C GLN B 203 -12.15 4.24 -15.75
N HIS B 204 -12.91 3.15 -15.68
CA HIS B 204 -12.78 2.21 -14.57
C HIS B 204 -11.39 1.58 -14.54
N GLN B 205 -10.87 1.22 -15.70
CA GLN B 205 -9.55 0.63 -15.79
C GLN B 205 -8.46 1.60 -15.33
N ARG B 206 -8.55 2.84 -15.78
CA ARG B 206 -7.57 3.85 -15.42
C ARG B 206 -7.61 4.14 -13.92
N LEU B 207 -8.82 4.27 -13.38
CA LEU B 207 -9.00 4.48 -11.95
C LEU B 207 -8.28 3.39 -11.16
N ALA B 208 -8.54 2.14 -11.54
CA ALA B 208 -7.92 0.99 -10.89
C ALA B 208 -6.40 1.06 -10.99
N GLN B 209 -5.91 1.44 -12.18
CA GLN B 209 -4.48 1.57 -12.42
C GLN B 209 -3.85 2.61 -11.51
N LEU B 210 -4.52 3.75 -11.35
CA LEU B 210 -4.01 4.83 -10.53
C LEU B 210 -3.96 4.45 -9.05
N LEU B 211 -5.04 3.81 -8.58
CA LEU B 211 -5.16 3.46 -7.17
C LEU B 211 -4.21 2.35 -6.75
N LEU B 212 -3.95 1.41 -7.65
CA LEU B 212 -3.04 0.31 -7.37
C LEU B 212 -1.60 0.80 -7.22
N ILE B 213 -1.30 1.93 -7.84
CA ILE B 213 0.01 2.55 -7.70
C ILE B 213 0.24 3.04 -6.28
N LEU B 214 -0.84 3.45 -5.61
CA LEU B 214 -0.77 3.94 -4.24
C LEU B 214 -0.30 2.85 -3.29
N SER B 215 -0.49 1.59 -3.69
CA SER B 215 -0.05 0.45 -2.90
C SER B 215 1.47 0.31 -2.95
N HIS B 216 2.06 0.65 -4.09
CA HIS B 216 3.50 0.65 -4.22
C HIS B 216 4.09 1.86 -3.52
N ILE B 217 3.35 2.97 -3.57
CA ILE B 217 3.76 4.19 -2.89
C ILE B 217 3.80 3.99 -1.38
N ARG B 218 2.82 3.26 -0.86
CA ARG B 218 2.82 2.88 0.54
C ARG B 218 4.05 2.04 0.85
N HIS B 219 4.37 1.11 -0.05
CA HIS B 219 5.51 0.24 0.09
C HIS B 219 6.82 1.03 0.16
N MET B 220 6.95 2.02 -0.72
CA MET B 220 8.14 2.85 -0.76
C MET B 220 8.28 3.66 0.53
N SER B 221 7.16 4.13 1.05
CA SER B 221 7.15 4.90 2.29
C SER B 221 7.63 4.05 3.47
N ASN B 222 7.12 2.83 3.56
CA ASN B 222 7.54 1.91 4.61
C ASN B 222 9.04 1.64 4.54
N LYS B 223 9.54 1.44 3.33
CA LYS B 223 10.96 1.20 3.12
C LYS B 223 11.79 2.45 3.41
N GLY B 224 11.29 3.59 2.95
CA GLY B 224 11.96 4.86 3.18
C GLY B 224 12.05 5.18 4.66
N MET B 225 10.98 4.90 5.39
CA MET B 225 10.92 5.14 6.82
C MET B 225 12.02 4.35 7.54
N GLU B 226 12.18 3.09 7.14
CA GLU B 226 13.21 2.22 7.72
C GLU B 226 14.61 2.73 7.40
N HIS B 227 14.80 3.23 6.19
CA HIS B 227 16.09 3.75 5.78
C HIS B 227 16.42 5.04 6.53
N LEU B 228 15.46 5.96 6.58
CA LEU B 228 15.63 7.22 7.29
C LEU B 228 15.93 6.96 8.76
N TYR B 229 15.26 5.96 9.33
CA TYR B 229 15.48 5.59 10.73
C TYR B 229 16.89 5.06 10.94
N SER B 230 17.36 4.26 9.99
CA SER B 230 18.70 3.70 10.06
C SER B 230 19.75 4.80 9.96
N MET B 231 19.48 5.78 9.11
CA MET B 231 20.38 6.92 8.95
C MET B 231 20.47 7.73 10.24
N LYS B 232 19.31 7.94 10.87
CA LYS B 232 19.25 8.67 12.13
C LYS B 232 20.09 8.00 13.21
N CYS B 233 19.90 6.69 13.36
CA CYS B 233 20.60 5.94 14.41
C CYS B 233 22.11 5.91 14.19
N LYS B 234 22.53 5.78 12.94
CA LYS B 234 23.95 5.78 12.61
C LYS B 234 24.53 7.20 12.67
N ASN B 235 23.67 8.14 13.04
CA ASN B 235 24.08 9.54 13.24
C ASN B 235 24.79 10.13 12.01
N VAL B 236 24.42 9.62 10.83
CA VAL B 236 24.96 10.14 9.57
C VAL B 236 24.49 11.58 9.37
N VAL B 237 23.27 11.87 9.79
CA VAL B 237 22.67 13.18 9.57
C VAL B 237 21.88 13.66 10.79
N PRO B 238 22.00 14.95 11.11
CA PRO B 238 21.17 15.57 12.16
C PRO B 238 19.79 15.93 11.61
N LEU B 239 18.75 15.32 12.15
CA LEU B 239 17.40 15.57 11.67
C LEU B 239 16.70 16.64 12.53
N SER B 240 15.86 17.43 11.88
CA SER B 240 15.10 18.46 12.59
C SER B 240 14.15 17.83 13.59
N ASP B 241 13.73 18.61 14.58
CA ASP B 241 12.81 18.12 15.60
C ASP B 241 11.51 17.65 14.97
N LEU B 242 11.01 18.42 14.00
CA LEU B 242 9.78 18.06 13.31
C LEU B 242 9.92 16.73 12.58
N LEU B 243 10.97 16.61 11.78
CA LEU B 243 11.23 15.40 11.03
C LEU B 243 11.34 14.19 11.94
N LEU B 244 11.95 14.40 13.11
CA LEU B 244 12.13 13.34 14.09
C LEU B 244 10.81 12.85 14.68
N GLU B 245 9.91 13.77 14.98
CA GLU B 245 8.63 13.38 15.57
CA GLU B 245 8.61 13.42 15.55
C GLU B 245 7.72 12.70 14.53
N MET B 246 7.85 13.09 13.27
CA MET B 246 7.10 12.47 12.19
C MET B 246 7.62 11.05 11.99
N LEU B 247 8.92 10.90 12.13
CA LEU B 247 9.57 9.60 12.03
C LEU B 247 9.25 8.74 13.26
N ASP B 248 9.06 9.40 14.41
CA ASP B 248 8.82 8.69 15.66
C ASP B 248 7.38 8.23 15.78
N ALA B 249 6.52 8.76 14.89
CA ALA B 249 5.11 8.38 14.88
C ALA B 249 4.91 6.98 14.30
N HIS B 250 5.89 6.53 13.52
CA HIS B 250 5.85 5.19 12.95
C HIS B 250 6.58 4.20 13.86
N ARG B 251 7.14 4.71 14.94
CA ARG B 251 7.74 3.89 16.00
C ARG B 251 8.51 2.67 15.51
N LEU B 252 9.30 2.84 14.45
CA LEU B 252 10.12 1.77 13.92
C LEU B 252 10.95 2.25 12.73
N HIS C 2 19.77 -23.77 -2.87
CA HIS C 2 18.45 -24.18 -3.31
C HIS C 2 17.48 -23.00 -3.45
N LYS C 3 16.41 -23.22 -4.20
CA LYS C 3 15.32 -22.27 -4.31
C LYS C 3 14.02 -23.05 -4.31
N ILE C 4 13.47 -23.27 -3.13
CA ILE C 4 12.29 -24.11 -2.96
C ILE C 4 11.10 -23.57 -3.73
N LEU C 5 10.93 -22.24 -3.68
CA LEU C 5 9.85 -21.59 -4.41
C LEU C 5 9.96 -21.90 -5.91
N HIS C 6 11.15 -21.73 -6.45
CA HIS C 6 11.41 -21.99 -7.86
C HIS C 6 11.03 -23.42 -8.22
N ARG C 7 11.41 -24.36 -7.36
CA ARG C 7 11.11 -25.77 -7.60
C ARG C 7 9.63 -26.08 -7.44
N LEU C 8 9.01 -25.54 -6.40
CA LEU C 8 7.60 -25.76 -6.14
C LEU C 8 6.74 -25.30 -7.30
N LEU C 9 7.15 -24.23 -7.96
CA LEU C 9 6.42 -23.68 -9.10
C LEU C 9 6.45 -24.61 -10.31
N GLN C 10 7.49 -25.44 -10.40
CA GLN C 10 7.62 -26.38 -11.50
C GLN C 10 6.80 -27.64 -11.23
N ASP C 11 6.77 -28.07 -9.97
CA ASP C 11 6.03 -29.26 -9.57
C ASP C 11 4.54 -28.97 -9.46
N HIS D 2 2.96 19.34 23.99
CA HIS D 2 2.41 18.93 22.71
C HIS D 2 3.47 18.96 21.61
N LYS D 3 3.27 18.13 20.59
CA LYS D 3 4.25 17.98 19.51
C LYS D 3 4.22 19.16 18.53
N ILE D 4 5.29 19.29 17.75
CA ILE D 4 5.42 20.36 16.78
C ILE D 4 4.30 20.33 15.75
N LEU D 5 3.97 19.13 15.28
CA LEU D 5 2.90 18.95 14.31
C LEU D 5 1.59 19.52 14.86
N HIS D 6 1.34 19.27 16.13
CA HIS D 6 0.15 19.81 16.80
C HIS D 6 0.08 21.32 16.66
N ARG D 7 1.19 21.99 16.93
CA ARG D 7 1.25 23.45 16.90
C ARG D 7 1.04 24.01 15.50
N LEU D 8 1.66 23.38 14.50
CA LEU D 8 1.57 23.87 13.13
C LEU D 8 0.16 23.72 12.55
N LEU D 9 -0.57 22.71 13.02
CA LEU D 9 -1.93 22.48 12.53
C LEU D 9 -2.92 23.52 13.05
N GLN D 10 -2.53 24.25 14.10
CA GLN D 10 -3.37 25.31 14.63
C GLN D 10 -2.99 26.65 13.99
N ASP D 11 -1.68 26.90 13.91
CA ASP D 11 -1.16 28.14 13.33
C ASP D 11 -1.33 28.16 11.81
C01 5CQ E . -0.93 -17.28 8.62
C02 5CQ E . -1.98 -16.72 8.00
C03 5CQ E . -2.08 -15.39 8.05
C04 5CQ E . -1.18 -14.62 8.70
C05 5CQ E . -0.14 -15.19 9.34
C06 5CQ E . -0.04 -16.53 9.27
C07 5CQ E . 0.90 -14.36 10.09
C08 5CQ E . 2.39 -14.57 9.77
C09 5CQ E . 3.43 -13.75 10.57
C10 5CQ E . 3.10 -13.61 12.08
C11 5CQ E . 1.59 -13.44 12.37
C12 5CQ E . 0.68 -14.41 11.61
C13 5CQ E . 3.52 -12.30 10.04
C14 5CQ E . 3.80 -11.42 11.26
C15 5CQ E . 3.92 -12.37 12.45
O01 5CQ E . 5.27 -12.68 12.73
C16 5CQ E . 3.59 -14.85 12.84
O02 5CQ E . -2.90 -17.47 7.32
C17 5CQ E . -1.41 -13.12 8.70
C01 5CQ F . 12.16 15.01 -0.14
C02 5CQ F . 11.17 14.81 -1.02
C03 5CQ F . 10.87 13.54 -1.34
C04 5CQ F . 11.52 12.49 -0.81
C05 5CQ F . 12.52 12.69 0.07
C06 5CQ F . 12.82 13.97 0.39
C07 5CQ F . 13.29 11.53 0.70
C08 5CQ F . 13.32 11.41 2.24
C09 5CQ F . 14.15 10.27 2.86
C10 5CQ F . 15.50 9.99 2.15
C11 5CQ F . 15.43 10.15 0.62
C12 5CQ F . 14.72 11.41 0.13
C13 5CQ F . 13.39 8.92 2.76
C14 5CQ F . 14.44 7.84 2.54
C15 5CQ F . 15.78 8.56 2.60
O01 5CQ F . 16.34 8.50 3.90
C16 5CQ F . 16.58 10.97 2.69
O02 5CQ F . 10.49 15.85 -1.58
C17 5CQ F . 11.10 11.10 -1.25
#